data_4GFP
#
_entry.id   4GFP
#
_cell.length_a   125.426
_cell.length_b   125.426
_cell.length_c   108.260
_cell.angle_alpha   90.00
_cell.angle_beta   90.00
_cell.angle_gamma   120.00
#
_symmetry.space_group_name_H-M   'P 64'
#
loop_
_entity.id
_entity.type
_entity.pdbx_description
1 polymer '3-phosphoshikimate 1-carboxyvinyltransferase'
2 non-polymer BETA-MERCAPTOETHANOL
3 water water
#
_entity_poly.entity_id   1
_entity_poly.type   'polypeptide(L)'
_entity_poly.pdbx_seq_one_letter_code
;MHHHHHHSSGVDLGTENLYFQSNAMDYQTIPSQGLSGEICVPGDKSISHRAVLLAAIAEGQTQVDGFLMGADNLAMVSAL
QQMGASIQVIEDENILVVEGVGMTGLQAPPEALDCGNSGTAIRLLSGLLAGQPFNTVLTGDSSLQRRPMKRIIDPLTLMG
AKIDSTGNVPPLKIYGNPRLTGIHYQLPMASAQVKSCLLLAGLYARGKTCITEPAPSRDHTERLLKHFHYTLQKDKQSIC
VSGGGKLKANDISIPGDISSAAFFIVAATITPGSAIRLCRVGVNPTRLGVINLLKMMGADIEVTHYTEKNEEPTADITVR
HARLKGIDIPPDQVPLTIDEFPVLLIAAAVAQGKTVLRDAAELRVKETDRIAAMVDGLQKLGIAAESLPDGVIIQGGTLE
GGEVNSYDDHRIAMAFAVAGTLAKGPVRIRNCDNVKTSFPNFVELANEVGMNVKGVRGRGGF
;
_entity_poly.pdbx_strand_id   A
#
loop_
_chem_comp.id
_chem_comp.type
_chem_comp.name
_chem_comp.formula
BME non-polymer BETA-MERCAPTOETHANOL 'C2 H6 O S'
#
# COMPACT_ATOMS: atom_id res chain seq x y z
N ASP A 26 -18.86 -10.79 12.65
CA ASP A 26 -19.39 -11.05 11.28
C ASP A 26 -20.01 -9.81 10.60
N TYR A 27 -19.69 -9.63 9.32
CA TYR A 27 -20.20 -8.48 8.52
C TYR A 27 -21.23 -8.89 7.46
N GLN A 28 -22.38 -8.24 7.53
CA GLN A 28 -23.52 -8.49 6.64
C GLN A 28 -23.69 -7.31 5.65
N THR A 29 -24.24 -7.57 4.48
CA THR A 29 -24.55 -6.50 3.54
C THR A 29 -25.97 -6.61 3.03
N ILE A 30 -26.44 -5.55 2.41
CA ILE A 30 -27.73 -5.54 1.74
C ILE A 30 -27.58 -4.71 0.45
N PRO A 31 -28.23 -5.14 -0.64
CA PRO A 31 -28.10 -4.46 -1.93
C PRO A 31 -28.21 -2.95 -1.82
N SER A 32 -27.29 -2.22 -2.43
CA SER A 32 -27.32 -0.74 -2.37
C SER A 32 -28.33 -0.21 -3.37
N GLN A 33 -29.05 0.85 -2.97
CA GLN A 33 -30.04 1.54 -3.84
C GLN A 33 -29.32 2.65 -4.66
N GLY A 34 -27.99 2.75 -4.57
CA GLY A 34 -27.21 3.76 -5.30
C GLY A 34 -26.23 4.52 -4.39
N LEU A 35 -24.96 4.55 -4.77
CA LEU A 35 -23.99 5.32 -4.00
C LEU A 35 -23.96 6.79 -4.44
N SER A 36 -23.81 7.69 -3.48
CA SER A 36 -23.72 9.07 -3.80
C SER A 36 -22.98 9.83 -2.74
N GLY A 37 -22.54 11.02 -3.13
CA GLY A 37 -21.88 11.95 -2.26
C GLY A 37 -20.40 12.11 -2.53
N GLU A 38 -19.79 12.94 -1.67
CA GLU A 38 -18.40 13.26 -1.71
C GLU A 38 -17.69 12.67 -0.46
N ILE A 39 -16.55 12.05 -0.62
CA ILE A 39 -15.80 11.59 0.52
C ILE A 39 -14.29 11.67 0.34
N CYS A 40 -13.58 11.70 1.45
CA CYS A 40 -12.14 11.63 1.44
C CYS A 40 -11.83 10.23 1.91
N VAL A 41 -10.80 9.61 1.37
CA VAL A 41 -10.41 8.29 1.83
C VAL A 41 -9.23 8.47 2.79
N PRO A 42 -8.92 7.44 3.55
CA PRO A 42 -7.83 7.67 4.48
C PRO A 42 -6.54 7.85 3.72
N GLY A 43 -5.59 8.56 4.32
CA GLY A 43 -4.29 8.85 3.72
C GLY A 43 -3.53 7.62 3.25
N ASP A 44 -2.70 7.85 2.23
CA ASP A 44 -1.90 6.80 1.64
C ASP A 44 -0.93 6.22 2.67
N LYS A 45 -0.94 4.90 2.80
CA LYS A 45 -0.09 4.22 3.78
C LYS A 45 1.43 4.28 3.45
N SER A 46 1.79 3.99 2.20
CA SER A 46 3.19 4.03 1.75
C SER A 46 3.77 5.42 1.86
N ILE A 47 3.00 6.41 1.48
CA ILE A 47 3.50 7.75 1.52
C ILE A 47 3.61 8.19 2.98
N SER A 48 2.60 7.86 3.78
CA SER A 48 2.68 8.15 5.22
C SER A 48 3.97 7.55 5.83
N HIS A 49 4.24 6.28 5.54
CA HIS A 49 5.44 5.65 6.05
C HIS A 49 6.69 6.45 5.73
N ARG A 50 6.86 6.77 4.47
CA ARG A 50 8.03 7.51 4.00
C ARG A 50 8.09 8.97 4.42
N ALA A 51 6.95 9.59 4.57
CA ALA A 51 6.94 10.99 4.94
C ALA A 51 7.48 11.18 6.36
N VAL A 52 6.98 10.41 7.31
CA VAL A 52 7.45 10.53 8.73
C VAL A 52 8.91 10.05 8.91
N LEU A 53 9.29 8.92 8.31
CA LEU A 53 10.67 8.48 8.37
C LEU A 53 11.64 9.52 7.80
N LEU A 54 11.40 10.04 6.60
CA LEU A 54 12.31 11.06 6.01
C LEU A 54 12.25 12.38 6.78
N ALA A 55 11.06 12.78 7.20
CA ALA A 55 10.95 14.01 7.96
C ALA A 55 11.73 13.93 9.25
N ALA A 56 11.70 12.76 9.89
CA ALA A 56 12.36 12.55 11.18
C ALA A 56 13.85 12.84 11.15
N ILE A 57 14.50 12.55 10.04
CA ILE A 57 15.92 12.80 9.89
C ILE A 57 16.25 14.05 9.06
N ALA A 58 15.27 14.82 8.67
CA ALA A 58 15.58 16.02 7.90
C ALA A 58 16.03 17.10 8.87
N GLU A 59 16.34 18.26 8.33
CA GLU A 59 16.81 19.43 9.07
C GLU A 59 15.67 20.43 9.06
N GLY A 60 15.11 20.70 10.22
CA GLY A 60 13.97 21.62 10.34
C GLY A 60 12.67 20.94 10.69
N GLN A 61 11.63 21.75 10.79
CA GLN A 61 10.29 21.29 11.16
C GLN A 61 9.42 20.99 9.96
N THR A 62 8.80 19.81 9.95
CA THR A 62 7.89 19.38 8.89
C THR A 62 6.56 19.08 9.50
N GLN A 63 5.49 19.51 8.84
CA GLN A 63 4.15 19.21 9.31
C GLN A 63 3.59 18.24 8.31
N VAL A 64 2.99 17.16 8.81
CA VAL A 64 2.44 16.12 7.93
C VAL A 64 0.94 16.19 8.03
N ASP A 65 0.26 16.38 6.91
CA ASP A 65 -1.21 16.44 6.91
C ASP A 65 -1.74 15.19 6.22
N GLY A 66 -2.85 14.67 6.74
CA GLY A 66 -3.45 13.47 6.17
C GLY A 66 -2.64 12.21 6.43
N PHE A 67 -2.05 12.12 7.61
CA PHE A 67 -1.22 10.98 7.97
C PHE A 67 -2.12 9.84 8.37
N LEU A 68 -1.96 8.69 7.76
CA LEU A 68 -2.82 7.57 8.12
C LEU A 68 -2.55 7.16 9.56
N MET A 69 -3.51 7.42 10.44
CA MET A 69 -3.35 7.08 11.85
C MET A 69 -3.71 5.65 12.17
N GLY A 70 -3.27 4.73 11.32
CA GLY A 70 -3.50 3.32 11.56
C GLY A 70 -2.45 2.78 12.53
N ALA A 71 -2.55 1.51 12.86
CA ALA A 71 -1.61 0.87 13.76
C ALA A 71 -0.20 0.78 13.14
N ASP A 72 -0.13 0.35 11.88
CA ASP A 72 1.14 0.22 11.17
C ASP A 72 1.90 1.55 11.11
N ASN A 73 1.22 2.59 10.66
CA ASN A 73 1.88 3.88 10.56
C ASN A 73 2.28 4.39 11.91
N LEU A 74 1.50 4.13 12.94
CA LEU A 74 1.93 4.56 14.27
C LEU A 74 3.04 3.64 14.84
N ALA A 75 3.15 2.41 14.37
CA ALA A 75 4.26 1.56 14.81
C ALA A 75 5.59 2.18 14.32
N MET A 76 5.59 2.70 13.09
CA MET A 76 6.75 3.41 12.55
C MET A 76 7.07 4.63 13.39
N VAL A 77 6.05 5.37 13.78
CA VAL A 77 6.25 6.55 14.65
C VAL A 77 6.89 6.15 15.98
N SER A 78 6.43 5.05 16.58
CA SER A 78 7.02 4.63 17.85
C SER A 78 8.47 4.23 17.70
N ALA A 79 8.80 3.55 16.61
CA ALA A 79 10.19 3.12 16.40
C ALA A 79 11.08 4.33 16.27
N LEU A 80 10.67 5.29 15.43
CA LEU A 80 11.46 6.49 15.27
C LEU A 80 11.62 7.24 16.61
N GLN A 81 10.59 7.27 17.44
CA GLN A 81 10.67 7.98 18.76
C GLN A 81 11.65 7.31 19.69
N GLN A 82 11.71 5.99 19.61
CA GLN A 82 12.73 5.23 20.35
C GLN A 82 14.15 5.60 19.93
N MET A 83 14.33 6.19 18.76
CA MET A 83 15.68 6.53 18.30
C MET A 83 15.99 8.04 18.37
N GLY A 84 15.13 8.78 19.07
CA GLY A 84 15.38 10.16 19.38
C GLY A 84 14.66 11.15 18.53
N ALA A 85 13.69 10.65 17.78
CA ALA A 85 12.92 11.49 16.87
C ALA A 85 11.85 12.26 17.64
N SER A 86 11.77 13.53 17.32
CA SER A 86 10.79 14.44 17.91
C SER A 86 9.55 14.49 17.02
N ILE A 87 8.49 13.79 17.42
CA ILE A 87 7.27 13.73 16.61
C ILE A 87 6.00 13.83 17.45
N GLN A 88 5.20 14.89 17.24
CA GLN A 88 3.89 15.06 17.89
C GLN A 88 2.83 14.35 17.08
N VAL A 89 1.97 13.62 17.76
CA VAL A 89 0.89 12.92 17.12
C VAL A 89 -0.42 13.57 17.54
N ILE A 90 -1.10 14.22 16.59
CA ILE A 90 -2.42 14.79 16.85
C ILE A 90 -3.33 13.89 16.04
N GLU A 91 -3.66 12.79 16.68
CA GLU A 91 -4.42 11.70 16.08
C GLU A 91 -5.76 12.08 15.49
N ASP A 92 -6.51 12.94 16.17
CA ASP A 92 -7.86 13.37 15.71
C ASP A 92 -7.83 14.20 14.44
N GLU A 93 -6.73 14.89 14.19
CA GLU A 93 -6.59 15.75 13.02
C GLU A 93 -5.77 15.12 11.91
N ASN A 94 -5.22 13.92 12.16
CA ASN A 94 -4.35 13.24 11.18
C ASN A 94 -3.06 14.04 10.86
N ILE A 95 -2.53 14.72 11.87
CA ILE A 95 -1.35 15.55 11.69
C ILE A 95 -0.16 15.12 12.56
N LEU A 96 1.04 15.36 12.05
CA LEU A 96 2.25 15.12 12.81
C LEU A 96 3.06 16.38 12.71
N VAL A 97 3.68 16.79 13.82
CA VAL A 97 4.62 17.91 13.79
C VAL A 97 5.94 17.23 14.09
N VAL A 98 6.83 17.20 13.10
CA VAL A 98 8.07 16.50 13.26
C VAL A 98 9.21 17.47 13.30
N GLU A 99 10.08 17.31 14.30
CA GLU A 99 11.23 18.17 14.44
C GLU A 99 12.42 17.26 14.12
N GLY A 100 12.95 17.47 12.92
CA GLY A 100 14.01 16.63 12.41
C GLY A 100 15.27 16.71 13.21
N VAL A 101 15.99 15.61 13.29
CA VAL A 101 17.24 15.57 14.03
C VAL A 101 18.47 15.52 13.14
N GLY A 102 18.30 15.59 11.83
CA GLY A 102 19.46 15.62 10.95
C GLY A 102 19.88 14.26 10.52
N MET A 103 20.61 14.18 9.42
CA MET A 103 20.95 12.87 8.89
C MET A 103 21.69 12.03 9.93
N THR A 104 22.49 12.65 10.79
CA THR A 104 23.29 11.91 11.80
C THR A 104 22.71 11.91 13.22
N GLY A 105 21.46 12.33 13.36
CA GLY A 105 20.83 12.45 14.65
C GLY A 105 20.05 11.28 15.24
N LEU A 106 19.98 10.15 14.54
CA LEU A 106 19.31 8.96 15.08
C LEU A 106 20.14 8.28 16.18
N GLN A 107 19.48 7.91 17.27
CA GLN A 107 20.20 7.30 18.38
C GLN A 107 19.74 5.90 18.74
N ALA A 108 20.64 5.16 19.39
CA ALA A 108 20.39 3.78 19.76
C ALA A 108 19.13 3.71 20.57
N PRO A 109 18.21 2.82 20.17
CA PRO A 109 16.98 2.60 20.87
C PRO A 109 17.17 1.71 22.12
N PRO A 110 16.47 2.03 23.24
CA PRO A 110 16.59 1.26 24.45
C PRO A 110 15.99 -0.11 24.33
N GLU A 111 15.13 -0.36 23.36
CA GLU A 111 14.58 -1.71 23.24
C GLU A 111 14.26 -2.07 21.80
N ALA A 112 13.73 -3.26 21.56
CA ALA A 112 13.50 -3.69 20.20
C ALA A 112 12.48 -2.79 19.55
N LEU A 113 12.58 -2.58 18.25
CA LEU A 113 11.57 -1.76 17.59
C LEU A 113 10.47 -2.73 17.18
N ASP A 114 9.28 -2.44 17.66
CA ASP A 114 8.15 -3.28 17.41
C ASP A 114 7.43 -2.71 16.21
N CYS A 115 7.48 -3.46 15.12
CA CYS A 115 6.86 -3.08 13.87
C CYS A 115 5.46 -3.65 13.76
N GLY A 116 5.01 -4.32 14.81
CA GLY A 116 3.69 -4.88 14.84
C GLY A 116 3.43 -5.71 13.62
N ASN A 117 2.44 -5.27 12.84
CA ASN A 117 2.04 -6.00 11.66
C ASN A 117 2.57 -5.42 10.33
N SER A 118 3.39 -4.36 10.40
CA SER A 118 3.88 -3.63 9.23
C SER A 118 5.13 -4.19 8.55
N GLY A 119 4.94 -4.97 7.49
CA GLY A 119 6.07 -5.48 6.72
C GLY A 119 6.86 -4.35 6.02
N THR A 120 6.25 -3.18 5.88
CA THR A 120 6.92 -2.01 5.30
C THR A 120 7.87 -1.38 6.32
N ALA A 121 7.42 -1.25 7.55
CA ALA A 121 8.27 -0.68 8.57
C ALA A 121 9.52 -1.53 8.73
N ILE A 122 9.36 -2.82 8.78
CA ILE A 122 10.50 -3.65 9.00
C ILE A 122 11.43 -3.54 7.83
N ARG A 123 10.90 -3.42 6.62
CA ARG A 123 11.79 -3.30 5.45
C ARG A 123 12.50 -1.92 5.39
N LEU A 124 11.76 -0.83 5.58
CA LEU A 124 12.38 0.48 5.51
C LEU A 124 13.42 0.72 6.60
N LEU A 125 13.06 0.32 7.82
CA LEU A 125 13.97 0.46 8.96
C LEU A 125 15.20 -0.35 8.71
N SER A 126 15.06 -1.54 8.17
CA SER A 126 16.26 -2.30 7.87
C SER A 126 17.22 -1.47 7.02
N GLY A 127 16.70 -0.88 5.93
CA GLY A 127 17.48 -0.02 5.06
C GLY A 127 18.01 1.21 5.78
N LEU A 128 17.17 1.83 6.59
CA LEU A 128 17.63 3.00 7.33
C LEU A 128 18.65 2.68 8.39
N LEU A 129 18.58 1.49 8.98
CA LEU A 129 19.42 1.20 10.16
C LEU A 129 20.69 0.45 9.89
N ALA A 130 20.74 -0.27 8.78
CA ALA A 130 21.94 -1.00 8.45
C ALA A 130 23.21 -0.20 8.60
N GLY A 131 23.15 1.07 8.22
CA GLY A 131 24.31 1.93 8.24
C GLY A 131 24.41 2.91 9.37
N GLN A 132 23.61 2.75 10.42
CA GLN A 132 23.80 3.60 11.61
C GLN A 132 24.93 2.96 12.47
N PRO A 133 25.50 3.72 13.41
CA PRO A 133 26.56 3.20 14.29
C PRO A 133 26.00 2.60 15.62
N PHE A 134 24.97 1.77 15.54
CA PHE A 134 24.40 1.14 16.70
C PHE A 134 23.70 -0.14 16.26
N ASN A 135 23.26 -0.94 17.22
CA ASN A 135 22.62 -2.21 16.92
C ASN A 135 21.16 -2.07 17.17
N THR A 136 20.34 -2.84 16.47
CA THR A 136 18.90 -2.69 16.58
C THR A 136 18.28 -4.06 16.48
N VAL A 137 17.12 -4.24 17.09
CA VAL A 137 16.42 -5.46 16.90
C VAL A 137 15.09 -5.07 16.36
N LEU A 138 14.64 -5.78 15.34
CA LEU A 138 13.35 -5.49 14.77
C LEU A 138 12.46 -6.64 15.08
N THR A 139 11.35 -6.31 15.68
CA THR A 139 10.47 -7.28 16.19
C THR A 139 9.12 -7.05 15.54
N GLY A 140 8.21 -8.02 15.65
CA GLY A 140 6.85 -7.88 15.06
C GLY A 140 5.96 -9.10 15.16
N ASP A 141 4.70 -8.99 14.73
CA ASP A 141 3.71 -10.09 14.81
C ASP A 141 4.02 -11.31 13.93
N LEU A 144 4.25 -11.39 10.11
CA LEU A 144 5.36 -11.03 9.21
C LEU A 144 6.28 -12.22 8.89
N GLN A 145 6.13 -13.32 9.63
CA GLN A 145 7.03 -14.46 9.44
C GLN A 145 6.80 -15.24 8.14
N ARG A 146 5.61 -15.06 7.55
CA ARG A 146 5.31 -15.72 6.26
C ARG A 146 6.06 -15.08 5.11
N ARG A 147 6.40 -13.80 5.28
CA ARG A 147 7.10 -13.02 4.28
C ARG A 147 8.58 -13.03 4.65
N PRO A 148 9.42 -13.74 3.89
CA PRO A 148 10.85 -13.68 4.19
C PRO A 148 11.43 -12.41 3.55
N MET A 149 12.72 -12.14 3.80
CA MET A 149 13.35 -10.93 3.27
C MET A 149 14.79 -11.05 2.81
N LYS A 150 15.13 -12.23 2.33
CA LYS A 150 16.42 -12.44 1.73
C LYS A 150 16.63 -11.44 0.53
N ARG A 151 15.56 -11.02 -0.15
CA ARG A 151 15.72 -10.07 -1.27
C ARG A 151 16.29 -8.69 -0.86
N ILE A 152 16.05 -8.23 0.38
CA ILE A 152 16.63 -6.96 0.85
C ILE A 152 17.96 -7.21 1.61
N ILE A 153 18.07 -8.35 2.32
CA ILE A 153 19.27 -8.66 3.08
C ILE A 153 20.51 -8.88 2.19
N ASP A 154 20.33 -9.62 1.10
CA ASP A 154 21.44 -9.84 0.17
C ASP A 154 22.11 -8.52 -0.27
N PRO A 155 21.35 -7.61 -0.87
CA PRO A 155 21.99 -6.37 -1.28
C PRO A 155 22.49 -5.54 -0.12
N LEU A 156 21.73 -5.42 0.97
CA LEU A 156 22.23 -4.64 2.12
C LEU A 156 23.58 -5.19 2.59
N THR A 157 23.68 -6.52 2.62
CA THR A 157 24.91 -7.19 2.97
C THR A 157 26.08 -6.83 2.03
N LEU A 158 25.81 -6.70 0.73
CA LEU A 158 26.81 -6.28 -0.24
C LEU A 158 27.30 -4.84 0.06
N MET A 159 26.43 -4.00 0.62
CA MET A 159 26.82 -2.64 0.98
C MET A 159 27.68 -2.58 2.24
N GLY A 160 27.78 -3.70 2.96
CA GLY A 160 28.55 -3.77 4.21
C GLY A 160 27.71 -4.04 5.45
N ALA A 161 26.42 -4.34 5.26
CA ALA A 161 25.54 -4.61 6.39
C ALA A 161 25.82 -5.95 7.04
N LYS A 162 25.69 -6.00 8.36
CA LYS A 162 25.81 -7.24 9.07
C LYS A 162 24.44 -7.47 9.71
N ILE A 163 23.61 -8.29 9.08
CA ILE A 163 22.26 -8.57 9.59
C ILE A 163 22.05 -10.04 9.98
N ASP A 164 21.47 -10.29 11.15
CA ASP A 164 21.21 -11.68 11.56
C ASP A 164 19.77 -11.96 11.31
N SER A 165 19.51 -12.86 10.38
CA SER A 165 18.14 -13.19 9.97
C SER A 165 17.89 -14.66 10.04
N THR A 166 18.59 -15.34 10.93
CA THR A 166 18.42 -16.77 11.13
C THR A 166 17.13 -17.00 11.89
N GLY A 167 16.65 -18.24 11.90
CA GLY A 167 15.41 -18.60 12.58
C GLY A 167 14.25 -17.79 12.05
N ASN A 168 13.30 -17.50 12.93
CA ASN A 168 12.16 -16.66 12.58
C ASN A 168 12.64 -15.26 12.27
N VAL A 169 11.97 -14.65 11.30
CA VAL A 169 12.28 -13.29 10.89
C VAL A 169 10.98 -12.64 10.53
N PRO A 170 10.52 -11.69 11.34
CA PRO A 170 11.13 -11.21 12.58
C PRO A 170 11.31 -12.34 13.60
N PRO A 171 12.20 -12.14 14.59
CA PRO A 171 13.01 -10.93 14.75
C PRO A 171 14.26 -10.86 13.87
N LEU A 172 14.71 -9.63 13.61
CA LEU A 172 15.94 -9.37 12.89
C LEU A 172 16.89 -8.62 13.80
N LYS A 173 18.17 -8.99 13.77
CA LYS A 173 19.15 -8.24 14.50
C LYS A 173 20.00 -7.51 13.49
N ILE A 174 20.09 -6.19 13.65
CA ILE A 174 20.93 -5.42 12.76
C ILE A 174 22.17 -4.88 13.47
N TYR A 175 23.37 -5.32 13.03
CA TYR A 175 24.62 -4.80 13.62
C TYR A 175 25.10 -3.57 12.81
N GLY A 176 24.67 -2.41 13.24
CA GLY A 176 24.98 -1.16 12.54
C GLY A 176 26.38 -1.14 12.05
N ASN A 177 26.53 -0.69 10.81
CA ASN A 177 27.85 -0.54 10.18
C ASN A 177 27.92 0.88 9.64
N PRO A 178 28.51 1.78 10.43
CA PRO A 178 28.54 3.18 10.08
C PRO A 178 29.43 3.49 8.89
N ARG A 179 29.97 2.46 8.23
CA ARG A 179 30.83 2.62 7.04
C ARG A 179 30.32 1.90 5.76
N LEU A 180 29.02 1.86 5.56
CA LEU A 180 28.48 1.27 4.34
C LEU A 180 29.08 1.90 3.06
N THR A 181 29.16 1.09 2.02
CA THR A 181 29.64 1.61 0.73
C THR A 181 28.60 1.42 -0.35
N GLY A 182 28.50 2.39 -1.24
CA GLY A 182 27.55 2.35 -2.34
C GLY A 182 27.77 1.15 -3.25
N ILE A 183 26.70 0.68 -3.88
CA ILE A 183 26.76 -0.42 -4.81
C ILE A 183 25.77 -0.23 -5.95
N HIS A 184 26.04 -0.91 -7.06
CA HIS A 184 25.14 -0.95 -8.21
C HIS A 184 24.42 -2.29 -8.05
N TYR A 185 23.11 -2.29 -8.05
CA TYR A 185 22.37 -3.53 -7.86
C TYR A 185 21.29 -3.67 -8.92
N GLN A 186 21.18 -4.91 -9.39
CA GLN A 186 20.30 -5.29 -10.49
C GLN A 186 19.08 -6.00 -9.89
N LEU A 187 17.89 -5.48 -10.19
CA LEU A 187 16.61 -6.04 -9.67
C LEU A 187 15.70 -6.65 -10.71
N PRO A 188 15.72 -7.99 -10.86
CA PRO A 188 14.81 -8.62 -11.83
C PRO A 188 13.37 -8.71 -11.32
N ALA A 190 11.76 -5.96 -11.15
CA ALA A 190 10.43 -5.37 -10.91
C ALA A 190 9.99 -5.46 -9.43
N SER A 191 10.76 -4.82 -8.52
CA SER A 191 10.46 -4.84 -7.09
C SER A 191 10.72 -3.49 -6.39
N ALA A 192 9.66 -2.74 -6.11
CA ALA A 192 9.75 -1.43 -5.47
C ALA A 192 10.11 -1.49 -4.00
N GLN A 193 9.73 -2.60 -3.34
CA GLN A 193 10.09 -2.78 -1.94
C GLN A 193 11.61 -2.79 -1.79
N VAL A 194 12.30 -3.58 -2.61
CA VAL A 194 13.75 -3.63 -2.50
C VAL A 194 14.36 -2.27 -2.87
N LYS A 195 13.83 -1.61 -3.88
CA LYS A 195 14.38 -0.34 -4.33
C LYS A 195 14.25 0.71 -3.22
N SER A 196 13.10 0.72 -2.54
CA SER A 196 12.87 1.68 -1.46
C SER A 196 13.87 1.50 -0.36
N CYS A 197 14.08 0.25 0.03
CA CYS A 197 15.00 -0.07 1.10
C CYS A 197 16.42 0.35 0.74
N LEU A 198 16.84 0.03 -0.48
CA LEU A 198 18.18 0.41 -0.91
C LEU A 198 18.38 1.94 -1.08
N LEU A 199 17.33 2.68 -1.42
CA LEU A 199 17.54 4.12 -1.55
C LEU A 199 17.82 4.63 -0.16
N LEU A 200 17.08 4.11 0.83
CA LEU A 200 17.31 4.50 2.23
C LEU A 200 18.73 4.17 2.70
N ALA A 201 19.20 2.95 2.47
CA ALA A 201 20.59 2.63 2.84
C ALA A 201 21.56 3.54 2.16
N GLY A 202 21.30 3.89 0.89
CA GLY A 202 22.18 4.77 0.09
C GLY A 202 22.42 6.14 0.71
N LEU A 203 21.45 6.64 1.47
CA LEU A 203 21.68 7.89 2.18
C LEU A 203 22.82 7.77 3.21
N TYR A 204 23.18 6.53 3.54
CA TYR A 204 24.15 6.24 4.58
C TYR A 204 25.24 5.31 4.04
N ALA A 205 25.49 5.39 2.74
CA ALA A 205 26.56 4.62 2.10
C ALA A 205 27.53 5.59 1.46
N ARG A 206 28.83 5.28 1.48
CA ARG A 206 29.81 6.18 0.90
C ARG A 206 29.79 5.99 -0.57
N GLY A 207 29.69 7.09 -1.32
CA GLY A 207 29.62 7.01 -2.79
C GLY A 207 28.21 7.04 -3.37
N LYS A 208 28.02 6.35 -4.49
CA LYS A 208 26.75 6.29 -5.16
C LYS A 208 26.19 4.95 -5.04
N THR A 209 24.88 4.88 -4.89
CA THR A 209 24.13 3.63 -4.87
C THR A 209 23.14 3.71 -6.07
N CYS A 210 23.21 2.75 -6.96
CA CYS A 210 22.38 2.76 -8.17
C CYS A 210 21.54 1.49 -8.25
N ILE A 211 20.27 1.68 -8.54
CA ILE A 211 19.35 0.58 -8.66
C ILE A 211 18.83 0.60 -10.10
N THR A 212 19.01 -0.50 -10.82
CA THR A 212 18.44 -0.61 -12.17
C THR A 212 17.48 -1.77 -12.15
N GLU A 213 16.35 -1.56 -12.81
CA GLU A 213 15.30 -2.53 -12.86
C GLU A 213 14.69 -2.52 -14.27
N PRO A 214 14.18 -3.69 -14.73
CA PRO A 214 13.58 -3.88 -16.06
C PRO A 214 12.59 -2.79 -16.48
N ALA A 215 11.73 -2.38 -15.54
CA ALA A 215 10.71 -1.36 -15.81
C ALA A 215 10.41 -0.54 -14.55
N PRO A 216 9.92 0.70 -14.73
CA PRO A 216 9.56 1.50 -13.56
C PRO A 216 8.70 0.73 -12.53
N SER A 217 8.83 1.13 -11.26
CA SER A 217 8.04 0.55 -10.18
C SER A 217 7.62 1.70 -9.28
N ARG A 218 6.69 1.47 -8.34
CA ARG A 218 6.24 2.54 -7.44
C ARG A 218 7.46 3.40 -7.07
N ASP A 219 7.31 4.71 -7.14
CA ASP A 219 8.41 5.60 -6.89
C ASP A 219 8.14 6.62 -5.80
N HIS A 220 7.34 6.22 -4.83
CA HIS A 220 7.08 7.11 -3.70
C HIS A 220 8.35 7.51 -2.95
N THR A 221 9.31 6.60 -2.84
CA THR A 221 10.54 6.92 -2.12
C THR A 221 11.27 8.03 -2.88
N GLU A 222 11.43 7.82 -4.18
CA GLU A 222 12.07 8.85 -5.04
C GLU A 222 11.35 10.18 -4.91
N ARG A 223 10.03 10.17 -4.89
CA ARG A 223 9.32 11.43 -4.82
C ARG A 223 9.51 12.13 -3.53
N LEU A 224 9.32 11.43 -2.42
CA LEU A 224 9.54 12.08 -1.11
C LEU A 224 11.00 12.49 -0.89
N LEU A 225 11.94 11.75 -1.44
CA LEU A 225 13.34 12.18 -1.36
C LEU A 225 13.42 13.54 -1.98
N LYS A 226 12.87 13.68 -3.22
CA LYS A 226 12.89 14.98 -3.94
C LYS A 226 12.10 16.03 -3.14
N HIS A 227 10.98 15.65 -2.55
CA HIS A 227 10.22 16.60 -1.74
C HIS A 227 11.08 17.19 -0.64
N PHE A 228 11.87 16.33 0.04
CA PHE A 228 12.74 16.78 1.14
C PHE A 228 14.11 17.30 0.68
N HIS A 229 14.17 17.71 -0.58
CA HIS A 229 15.34 18.36 -1.18
C HIS A 229 16.57 17.53 -1.36
N TYR A 230 16.46 16.23 -1.46
CA TYR A 230 17.65 15.37 -1.66
C TYR A 230 17.73 15.24 -3.16
N THR A 231 18.92 15.12 -3.73
CA THR A 231 18.95 15.02 -5.20
C THR A 231 19.11 13.58 -5.59
N LEU A 232 18.51 13.22 -6.73
CA LEU A 232 18.54 11.88 -7.30
C LEU A 232 18.95 11.99 -8.76
N GLN A 233 19.28 10.85 -9.38
CA GLN A 233 19.63 10.80 -10.77
C GLN A 233 18.85 9.72 -11.46
N LYS A 234 17.96 10.08 -12.39
CA LYS A 234 17.13 9.10 -13.12
C LYS A 234 17.31 9.25 -14.65
N ILE A 239 17.82 5.05 -11.33
CA ILE A 239 18.03 5.89 -10.12
C ILE A 239 19.25 5.59 -9.25
N CYS A 240 19.96 6.69 -8.98
CA CYS A 240 21.10 6.71 -8.10
C CYS A 240 20.88 7.77 -7.08
N VAL A 241 21.36 7.49 -5.89
CA VAL A 241 21.30 8.42 -4.81
C VAL A 241 22.71 8.35 -4.25
N SER A 242 23.16 9.44 -3.63
CA SER A 242 24.50 9.44 -3.03
C SER A 242 24.46 9.66 -1.54
N GLY A 243 25.38 9.03 -0.83
CA GLY A 243 25.41 9.21 0.60
C GLY A 243 26.16 10.46 0.77
N GLY A 244 25.73 11.34 1.66
CA GLY A 244 26.44 12.61 1.82
C GLY A 244 25.56 13.84 1.69
N GLY A 245 24.29 13.64 1.28
CA GLY A 245 23.38 14.75 1.16
C GLY A 245 22.74 15.10 2.47
N LYS A 246 21.74 15.97 2.42
CA LYS A 246 21.02 16.47 3.59
C LYS A 246 19.51 16.69 3.37
N LEU A 247 18.67 15.85 3.93
CA LEU A 247 17.24 16.06 3.86
C LEU A 247 16.86 17.38 4.56
N LYS A 248 16.06 18.22 3.89
CA LYS A 248 15.60 19.49 4.46
C LYS A 248 14.09 19.36 4.67
N ALA A 249 13.60 19.88 5.79
CA ALA A 249 12.18 19.83 6.12
C ALA A 249 11.34 20.52 5.06
N ASN A 250 10.10 20.08 4.94
CA ASN A 250 9.19 20.58 3.95
C ASN A 250 7.80 20.01 4.20
N ASP A 251 6.83 20.86 4.58
CA ASP A 251 5.47 20.37 4.86
C ASP A 251 4.94 19.52 3.73
N ILE A 252 4.02 18.64 4.06
CA ILE A 252 3.47 17.72 3.09
C ILE A 252 2.08 17.29 3.49
N SER A 253 1.26 17.08 2.46
CA SER A 253 -0.07 16.61 2.62
C SER A 253 -0.09 15.23 2.03
N ILE A 254 -0.55 14.25 2.78
CA ILE A 254 -0.58 12.93 2.24
C ILE A 254 -1.85 12.82 1.42
N PRO A 255 -1.70 12.40 0.17
CA PRO A 255 -2.86 12.20 -0.65
C PRO A 255 -3.62 11.00 -0.17
N GLY A 256 -4.91 10.94 -0.52
CA GLY A 256 -5.73 9.80 -0.17
C GLY A 256 -5.15 8.56 -0.81
N ASP A 257 -5.48 7.43 -0.24
CA ASP A 257 -4.94 6.16 -0.68
C ASP A 257 -5.72 5.63 -1.88
N ILE A 258 -5.12 5.67 -3.04
CA ILE A 258 -5.85 5.18 -4.18
C ILE A 258 -6.26 3.71 -3.99
N SER A 259 -5.51 2.95 -3.20
CA SER A 259 -5.89 1.53 -2.93
C SER A 259 -7.22 1.43 -2.18
N SER A 260 -7.51 2.42 -1.35
CA SER A 260 -8.78 2.44 -0.62
C SER A 260 -9.83 2.96 -1.57
N ALA A 261 -9.47 4.01 -2.31
CA ALA A 261 -10.37 4.59 -3.28
C ALA A 261 -10.93 3.55 -4.22
N ALA A 262 -10.08 2.63 -4.63
CA ALA A 262 -10.48 1.60 -5.58
C ALA A 262 -11.77 0.86 -5.23
N PHE A 263 -11.99 0.57 -3.95
CA PHE A 263 -13.19 -0.17 -3.56
C PHE A 263 -14.46 0.64 -3.76
N PHE A 264 -14.37 1.93 -3.47
CA PHE A 264 -15.51 2.81 -3.68
C PHE A 264 -15.69 3.02 -5.19
N ILE A 265 -14.58 3.10 -5.90
CA ILE A 265 -14.61 3.30 -7.33
C ILE A 265 -15.38 2.16 -8.00
N VAL A 266 -15.10 0.92 -7.59
CA VAL A 266 -15.79 -0.25 -8.16
C VAL A 266 -17.21 -0.29 -7.69
N ALA A 267 -17.46 0.04 -6.43
CA ALA A 267 -18.82 0.04 -5.90
C ALA A 267 -19.70 0.93 -6.76
N ALA A 268 -19.21 2.15 -6.98
CA ALA A 268 -19.92 3.16 -7.76
C ALA A 268 -20.13 2.68 -9.21
N THR A 269 -19.13 2.01 -9.74
CA THR A 269 -19.17 1.50 -11.08
C THR A 269 -20.25 0.47 -11.31
N ILE A 270 -20.43 -0.43 -10.38
CA ILE A 270 -21.36 -1.54 -10.60
C ILE A 270 -22.75 -1.37 -10.07
N THR A 271 -23.01 -0.24 -9.41
CA THR A 271 -24.29 -0.03 -8.75
C THR A 271 -25.15 1.04 -9.42
N PRO A 272 -26.28 0.64 -10.03
CA PRO A 272 -27.20 1.56 -10.70
C PRO A 272 -27.48 2.84 -9.95
N GLY A 273 -27.45 3.96 -10.67
CA GLY A 273 -27.75 5.26 -10.07
C GLY A 273 -26.70 5.80 -9.12
N SER A 274 -25.47 5.34 -9.25
CA SER A 274 -24.40 5.81 -8.40
C SER A 274 -23.63 6.93 -9.06
N ALA A 275 -23.26 7.92 -8.27
CA ALA A 275 -22.40 9.00 -8.71
C ALA A 275 -21.75 9.55 -7.45
N ILE A 276 -20.44 9.33 -7.33
CA ILE A 276 -19.69 9.79 -6.15
C ILE A 276 -18.45 10.53 -6.59
N ARG A 277 -17.91 11.32 -5.68
CA ARG A 277 -16.67 12.05 -5.91
C ARG A 277 -15.73 11.78 -4.72
N LEU A 278 -14.55 11.27 -5.03
CA LEU A 278 -13.53 11.01 -4.05
C LEU A 278 -12.53 12.16 -4.12
N CYS A 279 -12.47 12.99 -3.08
CA CYS A 279 -11.55 14.13 -3.05
C CYS A 279 -10.09 13.79 -2.74
N ARG A 280 -9.20 14.59 -3.27
CA ARG A 280 -7.77 14.50 -3.02
C ARG A 280 -7.16 13.13 -2.93
N VAL A 281 -7.43 12.31 -3.93
CA VAL A 281 -6.86 11.00 -3.99
C VAL A 281 -5.58 11.09 -4.83
N GLY A 282 -4.55 10.41 -4.39
CA GLY A 282 -3.31 10.40 -5.13
C GLY A 282 -3.54 9.58 -6.39
N VAL A 283 -2.97 10.05 -7.50
CA VAL A 283 -3.11 9.39 -8.79
C VAL A 283 -1.78 9.19 -9.50
N ASN A 284 -0.78 8.78 -8.73
CA ASN A 284 0.53 8.45 -9.22
C ASN A 284 0.40 7.28 -10.20
N PRO A 285 0.89 7.47 -11.43
CA PRO A 285 0.91 6.49 -12.51
C PRO A 285 1.31 5.11 -12.05
N THR A 286 2.26 5.01 -11.13
CA THR A 286 2.72 3.69 -10.66
C THR A 286 1.69 2.99 -9.78
N ARG A 287 0.63 3.69 -9.42
CA ARG A 287 -0.44 3.13 -8.61
C ARG A 287 -1.79 3.01 -9.35
N LEU A 288 -1.88 3.51 -10.60
CA LEU A 288 -3.14 3.50 -11.33
C LEU A 288 -3.60 2.19 -11.98
N GLY A 289 -2.88 1.11 -11.75
CA GLY A 289 -3.28 -0.19 -12.32
C GLY A 289 -4.79 -0.43 -12.40
N VAL A 290 -5.46 -0.49 -11.25
CA VAL A 290 -6.89 -0.76 -11.26
C VAL A 290 -7.69 0.25 -12.06
N ILE A 291 -7.39 1.52 -11.93
CA ILE A 291 -8.14 2.50 -12.70
C ILE A 291 -7.98 2.23 -14.22
N ASN A 292 -6.74 1.98 -14.63
CA ASN A 292 -6.49 1.63 -16.02
C ASN A 292 -7.32 0.43 -16.46
N LEU A 293 -7.33 -0.62 -15.66
CA LEU A 293 -8.07 -1.82 -16.00
C LEU A 293 -9.59 -1.55 -16.07
N LEU A 294 -10.13 -0.76 -15.14
CA LEU A 294 -11.57 -0.46 -15.15
C LEU A 294 -11.91 0.36 -16.39
N LYS A 295 -11.05 1.31 -16.73
CA LYS A 295 -11.26 2.11 -17.93
C LYS A 295 -11.37 1.19 -19.16
N MET A 296 -10.50 0.19 -19.26
CA MET A 296 -10.55 -0.74 -20.39
C MET A 296 -11.86 -1.51 -20.42
N MET A 297 -12.46 -1.74 -19.24
CA MET A 297 -13.72 -2.48 -19.14
C MET A 297 -14.88 -1.55 -19.43
N GLY A 298 -14.62 -0.25 -19.53
CA GLY A 298 -15.66 0.74 -19.80
C GLY A 298 -16.19 1.49 -18.61
N ALA A 299 -15.40 1.61 -17.55
CA ALA A 299 -15.86 2.32 -16.36
C ALA A 299 -15.88 3.79 -16.65
N ASP A 300 -16.71 4.53 -15.93
CA ASP A 300 -16.81 5.95 -16.12
C ASP A 300 -16.16 6.59 -14.92
N ILE A 301 -14.86 6.86 -15.07
CA ILE A 301 -13.99 7.39 -14.05
C ILE A 301 -13.36 8.69 -14.51
N GLU A 302 -13.84 9.80 -13.98
CA GLU A 302 -13.42 11.16 -14.35
C GLU A 302 -12.36 11.65 -13.38
N VAL A 303 -11.12 11.73 -13.85
CA VAL A 303 -9.99 12.17 -13.01
C VAL A 303 -9.70 13.64 -13.24
N THR A 304 -10.21 14.48 -12.35
CA THR A 304 -10.01 15.91 -12.46
C THR A 304 -8.67 16.29 -11.81
N GLU A 311 4.88 17.23 -5.32
CA GLU A 311 5.78 16.17 -5.76
C GLU A 311 5.02 14.84 -5.93
N GLU A 312 3.78 14.80 -5.44
CA GLU A 312 2.87 13.66 -5.61
C GLU A 312 1.61 14.13 -6.32
N PRO A 313 1.27 13.50 -7.43
CA PRO A 313 0.09 13.96 -8.08
C PRO A 313 -1.11 13.52 -7.30
N THR A 314 -2.00 14.46 -7.03
CA THR A 314 -3.25 14.20 -6.35
C THR A 314 -4.38 14.70 -7.24
N ALA A 315 -5.58 14.13 -7.13
CA ALA A 315 -6.70 14.60 -7.98
C ALA A 315 -8.04 14.28 -7.35
N ASP A 316 -9.11 14.76 -7.98
CA ASP A 316 -10.46 14.43 -7.53
C ASP A 316 -10.98 13.42 -8.50
N ILE A 317 -11.64 12.37 -8.01
CA ILE A 317 -12.14 11.34 -8.89
C ILE A 317 -13.66 11.24 -8.76
N THR A 318 -14.35 11.39 -9.89
CA THR A 318 -15.79 11.27 -9.90
C THR A 318 -16.13 10.00 -10.68
N VAL A 319 -16.99 9.16 -10.11
CA VAL A 319 -17.30 7.87 -10.72
C VAL A 319 -18.78 7.74 -10.85
N ARG A 320 -19.23 7.21 -11.99
CA ARG A 320 -20.66 7.02 -12.23
C ARG A 320 -20.87 5.62 -12.70
N HIS A 321 -22.04 5.10 -12.34
CA HIS A 321 -22.41 3.76 -12.73
C HIS A 321 -22.15 3.53 -14.22
N ALA A 322 -21.63 2.36 -14.54
CA ALA A 322 -21.36 1.98 -15.91
C ALA A 322 -21.29 0.46 -16.07
N ARG A 323 -21.66 -0.01 -17.25
CA ARG A 323 -21.61 -1.43 -17.60
C ARG A 323 -20.27 -1.80 -18.21
N LEU A 324 -19.74 -2.92 -17.77
CA LEU A 324 -18.43 -3.33 -18.14
C LEU A 324 -18.40 -4.52 -19.07
N LYS A 325 -17.33 -4.63 -19.84
CA LYS A 325 -17.07 -5.78 -20.70
C LYS A 325 -15.87 -6.50 -20.07
N GLY A 326 -15.66 -7.76 -20.42
CA GLY A 326 -14.52 -8.50 -19.88
C GLY A 326 -13.30 -8.13 -20.68
N ILE A 327 -12.11 -8.37 -20.14
CA ILE A 327 -10.87 -8.04 -20.83
C ILE A 327 -9.72 -9.02 -20.60
N ASP A 328 -8.64 -8.84 -21.37
CA ASP A 328 -7.42 -9.59 -21.16
C ASP A 328 -6.58 -8.62 -20.37
N ILE A 329 -6.25 -9.00 -19.14
CA ILE A 329 -5.49 -8.12 -18.26
C ILE A 329 -4.00 -8.24 -18.54
N PRO A 330 -3.36 -7.14 -18.98
CA PRO A 330 -1.91 -7.21 -19.24
C PRO A 330 -1.10 -7.35 -17.94
N PRO A 331 -0.20 -8.36 -17.86
CA PRO A 331 0.61 -8.63 -16.66
C PRO A 331 1.35 -7.42 -16.06
N ASP A 332 1.79 -6.49 -16.89
CA ASP A 332 2.54 -5.32 -16.39
C ASP A 332 1.65 -4.32 -15.59
N GLN A 333 0.34 -4.55 -15.60
CA GLN A 333 -0.59 -3.67 -14.92
C GLN A 333 -0.82 -4.08 -13.45
N VAL A 334 -0.49 -5.33 -13.11
CA VAL A 334 -0.69 -5.86 -11.76
C VAL A 334 0.24 -5.23 -10.70
N PRO A 335 1.53 -5.06 -11.04
CA PRO A 335 2.45 -4.40 -10.09
C PRO A 335 2.07 -2.94 -9.79
N LEU A 336 1.24 -2.34 -10.64
CA LEU A 336 0.82 -0.96 -10.44
C LEU A 336 -0.37 -0.92 -9.49
N ASP A 339 -2.33 -4.79 -4.19
CA ASP A 339 -3.02 -4.78 -2.91
C ASP A 339 -4.57 -4.70 -3.05
N GLU A 340 -5.04 -3.91 -4.01
CA GLU A 340 -6.48 -3.74 -4.27
C GLU A 340 -6.99 -4.67 -5.37
N PHE A 341 -6.10 -5.22 -6.16
CA PHE A 341 -6.47 -6.13 -7.22
C PHE A 341 -7.66 -7.06 -6.89
N PRO A 342 -7.75 -7.55 -5.66
CA PRO A 342 -8.93 -8.40 -5.43
C PRO A 342 -10.27 -7.82 -5.88
N VAL A 343 -10.52 -6.53 -5.58
CA VAL A 343 -11.79 -5.91 -5.95
C VAL A 343 -11.96 -5.72 -7.45
N LEU A 344 -10.87 -5.71 -8.21
CA LEU A 344 -11.02 -5.66 -9.64
C LEU A 344 -11.76 -6.92 -10.05
N LEU A 345 -11.44 -8.04 -9.42
CA LEU A 345 -12.09 -9.30 -9.76
C LEU A 345 -13.62 -9.25 -9.59
N ILE A 346 -14.10 -8.42 -8.67
CA ILE A 346 -15.53 -8.18 -8.51
C ILE A 346 -16.05 -7.48 -9.79
N ALA A 347 -15.39 -6.40 -10.16
CA ALA A 347 -15.77 -5.70 -11.36
C ALA A 347 -15.87 -6.70 -12.52
N ALA A 348 -14.95 -7.66 -12.56
CA ALA A 348 -14.96 -8.68 -13.62
C ALA A 348 -16.17 -9.61 -13.48
N ALA A 349 -16.55 -9.89 -12.23
CA ALA A 349 -17.68 -10.77 -11.96
C ALA A 349 -19.01 -10.21 -12.50
N VAL A 350 -19.16 -8.89 -12.52
CA VAL A 350 -20.40 -8.27 -12.99
C VAL A 350 -20.34 -7.75 -14.43
N ALA A 351 -19.27 -8.02 -15.16
CA ALA A 351 -19.19 -7.54 -16.52
C ALA A 351 -19.82 -8.56 -17.48
N GLN A 352 -19.86 -8.20 -18.75
CA GLN A 352 -20.37 -9.09 -19.77
C GLN A 352 -19.14 -9.60 -20.53
N GLY A 353 -18.99 -10.91 -20.55
CA GLY A 353 -17.84 -11.54 -21.17
C GLY A 353 -16.89 -12.15 -20.13
N LYS A 354 -15.80 -12.72 -20.63
CA LYS A 354 -14.79 -13.33 -19.79
C LYS A 354 -13.66 -12.35 -19.54
N THR A 355 -13.14 -12.38 -18.32
CA THR A 355 -12.00 -11.55 -17.96
C THR A 355 -10.89 -12.56 -17.66
N VAL A 356 -9.69 -12.28 -18.16
CA VAL A 356 -8.56 -13.20 -18.07
C VAL A 356 -7.19 -12.54 -17.96
N LEU A 357 -6.33 -13.10 -17.11
CA LEU A 357 -4.90 -12.70 -17.12
C LEU A 357 -4.08 -13.97 -17.02
N ARG A 358 -3.06 -14.02 -17.86
CA ARG A 358 -2.15 -15.14 -17.92
C ARG A 358 -0.73 -14.60 -17.80
N ASP A 359 -0.01 -15.06 -16.78
CA ASP A 359 1.38 -14.66 -16.48
C ASP A 359 1.40 -13.34 -15.72
N LEU A 363 4.03 -12.90 -11.32
CA LEU A 363 3.30 -12.66 -10.08
C LEU A 363 4.03 -13.10 -8.81
N ARG A 364 3.76 -12.38 -7.73
CA ARG A 364 4.28 -12.71 -6.41
C ARG A 364 3.29 -13.70 -5.76
N VAL A 365 3.77 -14.48 -4.80
CA VAL A 365 2.93 -15.47 -4.09
C VAL A 365 1.79 -14.82 -3.28
N LYS A 366 2.12 -13.75 -2.56
CA LYS A 366 1.13 -13.05 -1.72
C LYS A 366 -0.18 -12.76 -2.45
N GLU A 367 -0.07 -12.31 -3.70
CA GLU A 367 -1.24 -11.96 -4.53
C GLU A 367 -1.91 -13.23 -5.07
N THR A 368 -1.11 -14.21 -5.51
CA THR A 368 -1.63 -15.50 -5.95
C THR A 368 -2.51 -16.14 -4.88
N ASP A 369 -2.15 -15.91 -3.62
CA ASP A 369 -2.92 -16.41 -2.49
C ASP A 369 -4.23 -15.64 -2.43
N ARG A 370 -4.15 -14.30 -2.46
CA ARG A 370 -5.36 -13.46 -2.49
C ARG A 370 -6.29 -13.83 -3.63
N ILE A 371 -5.75 -14.10 -4.81
CA ILE A 371 -6.60 -14.49 -5.94
C ILE A 371 -7.44 -15.72 -5.55
N ALA A 372 -6.77 -16.74 -5.04
CA ALA A 372 -7.42 -17.99 -4.64
C ALA A 372 -8.63 -17.73 -3.72
N ALA A 373 -8.45 -16.80 -2.79
CA ALA A 373 -9.51 -16.40 -1.84
C ALA A 373 -10.71 -15.76 -2.55
N MET A 374 -10.43 -15.05 -3.65
CA MET A 374 -11.48 -14.41 -4.44
C MET A 374 -12.24 -15.43 -5.29
N VAL A 375 -11.51 -16.40 -5.84
CA VAL A 375 -12.12 -17.46 -6.64
C VAL A 375 -13.07 -18.28 -5.77
N ASP A 376 -12.67 -18.55 -4.53
CA ASP A 376 -13.51 -19.29 -3.60
C ASP A 376 -14.80 -18.49 -3.35
N GLY A 377 -14.64 -17.25 -2.89
CA GLY A 377 -15.76 -16.37 -2.55
C GLY A 377 -16.74 -16.16 -3.68
N LEU A 378 -16.22 -15.88 -4.87
CA LEU A 378 -17.07 -15.69 -6.04
C LEU A 378 -17.89 -16.94 -6.37
N GLN A 379 -17.26 -18.10 -6.23
CA GLN A 379 -17.92 -19.38 -6.49
C GLN A 379 -19.19 -19.44 -5.65
N LYS A 380 -19.08 -19.09 -4.37
CA LYS A 380 -20.24 -19.12 -3.46
C LYS A 380 -21.36 -18.15 -3.83
N LEU A 381 -21.05 -17.08 -4.56
CA LEU A 381 -22.06 -16.07 -4.95
C LEU A 381 -22.59 -16.27 -6.36
N GLY A 382 -22.46 -17.49 -6.87
CA GLY A 382 -22.98 -17.82 -8.20
C GLY A 382 -22.10 -17.43 -9.37
N ILE A 383 -20.86 -17.05 -9.11
CA ILE A 383 -20.00 -16.61 -10.21
C ILE A 383 -19.07 -17.73 -10.67
N ALA A 384 -19.13 -18.01 -11.97
CA ALA A 384 -18.26 -19.01 -12.59
C ALA A 384 -16.83 -18.49 -12.70
N ALA A 385 -16.05 -18.72 -11.66
CA ALA A 385 -14.65 -18.33 -11.61
C ALA A 385 -13.77 -19.57 -11.59
N GLU A 386 -12.52 -19.40 -11.99
CA GLU A 386 -11.60 -20.50 -12.09
C GLU A 386 -10.18 -19.99 -12.03
N SER A 387 -9.37 -20.61 -11.17
CA SER A 387 -7.98 -20.22 -11.00
C SER A 387 -7.14 -20.85 -12.13
N LEU A 388 -6.05 -20.16 -12.51
CA LEU A 388 -5.13 -20.67 -13.53
C LEU A 388 -3.73 -20.67 -12.93
N PRO A 389 -2.88 -21.63 -13.34
CA PRO A 389 -1.51 -21.64 -12.81
C PRO A 389 -0.79 -20.32 -13.08
N ASP A 390 -1.12 -19.71 -14.22
CA ASP A 390 -0.50 -18.46 -14.65
C ASP A 390 -1.30 -17.17 -14.30
N GLY A 391 -2.52 -17.33 -13.82
CA GLY A 391 -3.36 -16.18 -13.47
C GLY A 391 -4.78 -16.56 -13.09
N VAL A 392 -5.78 -15.98 -13.76
CA VAL A 392 -7.19 -16.27 -13.43
C VAL A 392 -8.12 -16.05 -14.60
N ILE A 393 -9.25 -16.74 -14.55
CA ILE A 393 -10.26 -16.64 -15.59
C ILE A 393 -11.62 -16.50 -14.91
N ILE A 394 -12.27 -15.36 -15.16
CA ILE A 394 -13.58 -15.05 -14.59
C ILE A 394 -14.61 -14.83 -15.70
N GLN A 395 -15.76 -15.47 -15.57
CA GLN A 395 -16.82 -15.28 -16.53
C GLN A 395 -17.86 -14.40 -15.83
N GLY A 396 -18.10 -13.23 -16.39
CA GLY A 396 -19.04 -12.30 -15.82
C GLY A 396 -20.46 -12.85 -15.86
N GLY A 397 -21.25 -12.48 -14.86
CA GLY A 397 -22.60 -12.94 -14.79
C GLY A 397 -23.39 -12.17 -13.77
N THR A 398 -23.91 -12.86 -12.77
CA THR A 398 -24.79 -12.28 -11.78
C THR A 398 -24.45 -12.71 -10.36
N LEU A 399 -24.03 -11.74 -9.56
CA LEU A 399 -23.74 -11.97 -8.16
C LEU A 399 -25.00 -12.35 -7.42
N GLU A 400 -24.87 -13.33 -6.54
CA GLU A 400 -25.96 -13.80 -5.71
C GLU A 400 -25.65 -13.48 -4.25
N GLY A 401 -26.67 -13.52 -3.42
CA GLY A 401 -26.47 -13.34 -2.00
C GLY A 401 -25.95 -14.67 -1.46
N GLY A 402 -25.23 -14.65 -0.36
CA GLY A 402 -24.69 -15.86 0.23
C GLY A 402 -23.70 -15.59 1.34
N GLU A 403 -22.78 -16.54 1.53
CA GLU A 403 -21.73 -16.42 2.54
C GLU A 403 -20.39 -16.69 1.89
N VAL A 404 -19.38 -15.97 2.34
CA VAL A 404 -18.04 -16.16 1.83
C VAL A 404 -17.06 -16.07 2.98
N ASN A 405 -15.87 -16.56 2.71
CA ASN A 405 -14.84 -16.56 3.70
C ASN A 405 -13.91 -15.45 3.30
N SER A 406 -13.59 -14.58 4.25
CA SER A 406 -12.66 -13.47 4.02
C SER A 406 -11.21 -13.81 4.31
N TYR A 407 -10.97 -14.97 4.96
CA TYR A 407 -9.62 -15.43 5.35
C TYR A 407 -8.95 -14.37 6.26
N ASP A 408 -9.73 -13.74 7.13
CA ASP A 408 -9.24 -12.67 8.02
C ASP A 408 -8.37 -11.61 7.30
N ASP A 409 -8.69 -11.32 6.04
CA ASP A 409 -7.97 -10.33 5.24
C ASP A 409 -8.89 -9.13 4.96
N HIS A 410 -8.50 -7.93 5.40
CA HIS A 410 -9.36 -6.76 5.23
C HIS A 410 -9.61 -6.45 3.73
N ARG A 411 -8.58 -6.52 2.89
CA ARG A 411 -8.79 -6.32 1.49
C ARG A 411 -9.82 -7.30 0.90
N ILE A 412 -9.83 -8.55 1.34
CA ILE A 412 -10.81 -9.51 0.82
C ILE A 412 -12.21 -9.15 1.31
N ALA A 413 -12.33 -8.91 2.62
CA ALA A 413 -13.61 -8.53 3.20
C ALA A 413 -14.16 -7.26 2.51
N MET A 414 -13.30 -6.29 2.28
CA MET A 414 -13.70 -5.07 1.59
C MET A 414 -14.22 -5.39 0.21
N ALA A 415 -13.46 -6.18 -0.54
CA ALA A 415 -13.90 -6.56 -1.88
C ALA A 415 -15.27 -7.21 -1.90
N PHE A 416 -15.60 -8.03 -0.90
CA PHE A 416 -16.94 -8.69 -0.87
C PHE A 416 -18.01 -7.77 -0.35
N ALA A 417 -17.61 -6.75 0.41
CA ALA A 417 -18.55 -5.70 0.82
C ALA A 417 -19.03 -4.97 -0.48
N VAL A 418 -18.07 -4.69 -1.37
CA VAL A 418 -18.36 -4.03 -2.62
C VAL A 418 -19.31 -4.89 -3.45
N ALA A 419 -19.04 -6.20 -3.50
CA ALA A 419 -19.91 -7.11 -4.25
C ALA A 419 -21.31 -7.06 -3.65
N GLY A 420 -21.36 -6.89 -2.34
CA GLY A 420 -22.63 -6.80 -1.63
C GLY A 420 -23.56 -5.72 -2.15
N THR A 421 -23.01 -4.68 -2.78
CA THR A 421 -23.82 -3.58 -3.29
C THR A 421 -24.78 -4.07 -4.40
N LEU A 422 -24.26 -4.89 -5.32
CA LEU A 422 -25.04 -5.43 -6.44
C LEU A 422 -25.65 -6.85 -6.22
N ALA A 423 -25.09 -7.63 -5.29
CA ALA A 423 -25.58 -9.00 -5.02
C ALA A 423 -27.07 -9.06 -4.77
N LYS A 424 -27.73 -9.97 -5.46
CA LYS A 424 -29.20 -10.07 -5.38
C LYS A 424 -29.74 -10.16 -3.95
N GLY A 425 -28.93 -10.62 -3.01
CA GLY A 425 -29.36 -10.74 -1.61
C GLY A 425 -28.23 -10.42 -0.66
N PRO A 426 -28.48 -10.55 0.64
CA PRO A 426 -27.40 -10.26 1.60
C PRO A 426 -26.20 -11.17 1.43
N VAL A 427 -25.00 -10.59 1.57
CA VAL A 427 -23.75 -11.32 1.49
C VAL A 427 -23.16 -11.25 2.87
N ARG A 428 -22.86 -12.43 3.45
CA ARG A 428 -22.28 -12.50 4.80
C ARG A 428 -20.79 -12.79 4.76
N ILE A 429 -20.03 -12.10 5.60
CA ILE A 429 -18.57 -12.20 5.63
C ILE A 429 -18.06 -12.51 7.03
N ARG A 430 -17.12 -13.45 7.13
CA ARG A 430 -16.61 -13.88 8.44
C ARG A 430 -15.23 -13.32 8.86
N ASN A 431 -15.02 -12.05 8.50
CA ASN A 431 -13.79 -11.27 8.80
C ASN A 431 -13.66 -10.95 10.29
N THR A 437 -9.44 -1.75 13.76
CA THR A 437 -8.47 -1.66 12.68
C THR A 437 -8.96 -0.63 11.61
N SER A 438 -8.79 -0.92 10.32
CA SER A 438 -9.20 0.02 9.28
C SER A 438 -10.59 -0.29 8.69
N PHE A 439 -11.01 -1.55 8.75
CA PHE A 439 -12.33 -1.99 8.23
C PHE A 439 -13.51 -1.35 8.99
N PRO A 440 -13.34 -1.05 10.29
CA PRO A 440 -14.46 -0.31 10.92
C PRO A 440 -14.62 1.11 10.34
N ASN A 441 -13.51 1.73 9.92
CA ASN A 441 -13.52 3.06 9.26
C ASN A 441 -14.06 2.91 7.83
N PHE A 442 -13.66 1.81 7.20
CA PHE A 442 -14.19 1.47 5.93
C PHE A 442 -15.71 1.30 6.04
N VAL A 443 -16.17 0.70 7.13
CA VAL A 443 -17.60 0.49 7.35
C VAL A 443 -18.36 1.81 7.50
N GLU A 444 -17.81 2.71 8.29
CA GLU A 444 -18.43 3.99 8.53
C GLU A 444 -18.53 4.80 7.21
N LEU A 445 -17.47 4.79 6.42
CA LEU A 445 -17.43 5.55 5.18
C LEU A 445 -18.39 4.95 4.14
N ALA A 446 -18.33 3.63 3.99
CA ALA A 446 -19.20 2.90 3.11
C ALA A 446 -20.67 3.24 3.36
N ASN A 447 -21.12 3.09 4.59
CA ASN A 447 -22.50 3.37 4.92
C ASN A 447 -22.89 4.79 4.59
N GLU A 448 -21.95 5.72 4.71
CA GLU A 448 -22.25 7.11 4.43
C GLU A 448 -22.48 7.40 2.94
N VAL A 449 -21.99 6.54 2.07
CA VAL A 449 -22.17 6.78 0.67
C VAL A 449 -23.17 5.81 0.05
N GLY A 450 -23.89 5.05 0.87
CA GLY A 450 -24.89 4.13 0.35
C GLY A 450 -24.45 2.70 0.11
N MET A 451 -23.23 2.38 0.52
CA MET A 451 -22.74 1.02 0.47
C MET A 451 -23.10 0.45 1.87
N ASN A 452 -24.10 -0.43 1.92
CA ASN A 452 -24.63 -0.99 3.20
C ASN A 452 -23.78 -2.12 3.83
N VAL A 453 -23.19 -1.85 5.00
CA VAL A 453 -22.35 -2.85 5.66
C VAL A 453 -22.61 -2.84 7.16
N LYS A 454 -23.12 -3.94 7.67
CA LYS A 454 -23.49 -4.02 9.07
C LYS A 454 -22.66 -5.12 9.66
N GLY A 455 -21.92 -4.79 10.70
CA GLY A 455 -21.13 -5.77 11.44
C GLY A 455 -22.01 -6.36 12.51
N VAL A 456 -22.96 -7.19 12.09
CA VAL A 456 -23.91 -7.82 12.98
C VAL A 456 -24.41 -9.12 12.34
C1 BME B . -16.37 15.12 3.54
C2 BME B . -15.42 14.59 2.45
O1 BME B . -17.71 15.35 3.00
S2 BME B . -13.77 15.33 2.57
C1 BME C . -14.20 19.22 -2.65
C2 BME C . -13.19 18.75 -3.68
O1 BME C . -15.36 19.76 -3.31
S2 BME C . -13.43 16.98 -4.03
#